data_9ON7
#
_entry.id   9ON7
#
_cell.length_a   168.882
_cell.length_b   55.498
_cell.length_c   121.205
_cell.angle_alpha   90.00
_cell.angle_beta   129.92
_cell.angle_gamma   90.00
#
_symmetry.space_group_name_H-M   'C 1 2 1'
#
loop_
_entity.id
_entity.type
_entity.pdbx_description
1 polymer "Bis(5'-nucleosyl)-tetraphosphatase [symmetrical]"
2 polymer 'RNA ppAG'
3 non-polymer 'MANGANESE (II) ION'
4 non-polymer 'MAGNESIUM ION'
5 non-polymer 'SULFATE ION'
6 non-polymer '4-(2-HYDROXYETHYL)-1-PIPERAZINE ETHANESULFONIC ACID'
7 water water
#
loop_
_entity_poly.entity_id
_entity_poly.type
_entity_poly.pdbx_seq_one_letter_code
_entity_poly.pdbx_strand_id
1 'polypeptide(L)'
;MATYLIGDVHGCYDELIALLHKVEFTPGKDTLWLTGDLVARGPGSLDVLRYVKSLGDSVRLVLGNHDLHLLAVFAGISRN
KPKDRLTPLLEAPDADELLNWLRRQPLLQIDEEKKLVMAHAGITPQWDLQTAKECARDVEAVLSSDSYPFFLDAMYGDMP
NNWSPELRGLGRLRFITNAFTRMRFCFPNGQLDMYSKESPEEAPAPLKPWFAIPGPVAEEYSIAFGHWASLEGKGTPEGI
YALDTGCCWGGTLTCLRWEDKQYFVQPSNRHKDLGEAAASHHHHHH
;
A,B
2 'polyribonucleotide' (ADP)G C,D
#
loop_
_chem_comp.id
_chem_comp.type
_chem_comp.name
_chem_comp.formula
ADP non-polymer ADENOSINE-5'-DIPHOSPHATE 'C10 H15 N5 O10 P2'
EPE non-polymer '4-(2-HYDROXYETHYL)-1-PIPERAZINE ETHANESULFONIC ACID' 'C8 H18 N2 O4 S'
G RNA linking GUANOSINE-5'-MONOPHOSPHATE 'C10 H14 N5 O8 P'
MG non-polymer 'MAGNESIUM ION' 'Mg 2'
MN non-polymer 'MANGANESE (II) ION' 'Mn 2'
SO4 non-polymer 'SULFATE ION' 'O4 S -2'
#
# COMPACT_ATOMS: atom_id res chain seq x y z
N ALA A 2 -6.67 -31.83 20.20
CA ALA A 2 -7.31 -30.52 20.07
C ALA A 2 -7.09 -29.99 18.66
N THR A 3 -7.92 -29.03 18.25
CA THR A 3 -7.84 -28.38 16.94
C THR A 3 -7.48 -26.93 17.16
N TYR A 4 -6.38 -26.49 16.57
CA TYR A 4 -5.92 -25.11 16.66
C TYR A 4 -5.98 -24.46 15.30
N LEU A 5 -6.40 -23.19 15.27
CA LEU A 5 -6.47 -22.39 14.04
C LEU A 5 -5.63 -21.13 14.24
N ILE A 6 -4.67 -20.89 13.35
CA ILE A 6 -3.79 -19.71 13.45
C ILE A 6 -3.86 -18.90 12.16
N GLY A 7 -3.81 -17.58 12.31
CA GLY A 7 -3.90 -16.67 11.16
C GLY A 7 -2.55 -16.49 10.48
N ASP A 8 -2.50 -15.46 9.62
CA ASP A 8 -1.38 -15.30 8.67
C ASP A 8 -0.03 -15.22 9.39
N VAL A 9 0.87 -16.14 9.06
CA VAL A 9 2.15 -16.20 9.77
C VAL A 9 3.15 -15.18 9.18
N HIS A 10 3.11 -14.97 7.88
CA HIS A 10 3.98 -14.03 7.18
C HIS A 10 5.44 -14.11 7.67
N GLY A 11 5.99 -15.30 7.63
CA GLY A 11 7.40 -15.42 7.93
C GLY A 11 7.76 -15.19 9.38
N CYS A 12 6.79 -15.09 10.27
CA CYS A 12 7.06 -14.87 11.69
C CYS A 12 7.26 -16.23 12.37
N TYR A 13 8.39 -16.87 12.06
CA TYR A 13 8.66 -18.22 12.55
C TYR A 13 8.73 -18.27 14.08
N ASP A 14 9.46 -17.32 14.68
CA ASP A 14 9.64 -17.35 16.13
C ASP A 14 8.32 -17.24 16.87
N GLU A 15 7.44 -16.35 16.40
CA GLU A 15 6.15 -16.17 17.04
C GLU A 15 5.28 -17.40 16.88
N LEU A 16 5.33 -18.01 15.70
CA LEU A 16 4.56 -19.21 15.45
C LEU A 16 4.98 -20.32 16.41
N ILE A 17 6.28 -20.55 16.55
CA ILE A 17 6.73 -21.62 17.44
C ILE A 17 6.40 -21.30 18.89
N ALA A 18 6.57 -20.03 19.29
CA ALA A 18 6.24 -19.63 20.65
C ALA A 18 4.76 -19.86 20.96
N LEU A 19 3.88 -19.52 20.02
CA LEU A 19 2.45 -19.72 20.23
C LEU A 19 2.11 -21.20 20.29
N LEU A 20 2.71 -22.02 19.42
CA LEU A 20 2.42 -23.44 19.46
C LEU A 20 2.93 -24.07 20.74
N HIS A 21 4.05 -23.57 21.27
CA HIS A 21 4.53 -24.06 22.57
C HIS A 21 3.58 -23.64 23.69
N LYS A 22 2.99 -22.43 23.60
CA LYS A 22 2.03 -21.97 24.60
C LYS A 22 0.86 -22.94 24.77
N VAL A 23 0.30 -23.42 23.66
CA VAL A 23 -0.84 -24.33 23.73
C VAL A 23 -0.41 -25.79 23.77
N GLU A 24 0.90 -26.07 23.78
CA GLU A 24 1.41 -27.44 23.81
C GLU A 24 0.95 -28.23 22.60
N PHE A 25 1.09 -27.63 21.41
CA PHE A 25 0.68 -28.28 20.19
C PHE A 25 1.44 -29.58 20.01
N THR A 26 0.72 -30.70 19.91
CA THR A 26 1.36 -32.01 19.83
C THR A 26 0.87 -32.79 18.63
N PRO A 27 1.66 -32.85 17.54
CA PRO A 27 1.26 -33.63 16.38
C PRO A 27 0.92 -35.05 16.82
N GLY A 28 -0.12 -35.61 16.21
CA GLY A 28 -0.66 -36.89 16.60
C GLY A 28 -1.78 -36.80 17.61
N LYS A 29 -1.75 -35.80 18.48
CA LYS A 29 -2.89 -35.51 19.35
C LYS A 29 -3.70 -34.32 18.85
N ASP A 30 -3.05 -33.39 18.16
CA ASP A 30 -3.63 -32.12 17.76
C ASP A 30 -3.52 -31.95 16.25
N THR A 31 -4.40 -31.10 15.71
CA THR A 31 -4.35 -30.69 14.32
C THR A 31 -4.31 -29.16 14.26
N LEU A 32 -3.49 -28.63 13.36
CA LEU A 32 -3.34 -27.19 13.19
C LEU A 32 -3.92 -26.80 11.84
N TRP A 33 -4.76 -25.77 11.82
CA TRP A 33 -5.22 -25.16 10.58
C TRP A 33 -4.49 -23.83 10.42
N LEU A 34 -4.03 -23.54 9.21
CA LEU A 34 -3.35 -22.27 8.91
C LEU A 34 -4.08 -21.56 7.78
N THR A 35 -4.32 -20.25 7.95
CA THR A 35 -5.09 -19.45 6.99
C THR A 35 -4.28 -19.01 5.78
N GLY A 36 -3.02 -19.43 5.65
CA GLY A 36 -2.22 -19.07 4.47
C GLY A 36 -1.47 -17.77 4.71
N ASP A 37 -0.88 -17.25 3.63
CA ASP A 37 0.15 -16.21 3.73
C ASP A 37 1.18 -16.63 4.77
N LEU A 38 1.77 -17.79 4.53
CA LEU A 38 2.83 -18.30 5.38
C LEU A 38 4.11 -17.48 5.27
N VAL A 39 4.26 -16.73 4.17
CA VAL A 39 5.55 -16.19 3.77
C VAL A 39 5.42 -14.70 3.53
N ALA A 40 6.60 -14.06 3.41
CA ALA A 40 6.78 -12.65 3.09
C ALA A 40 6.64 -11.72 4.29
N ARG A 41 7.40 -10.62 4.22
CA ARG A 41 7.40 -9.54 5.20
C ARG A 41 8.19 -9.88 6.44
N GLY A 42 7.82 -10.93 7.15
CA GLY A 42 8.60 -11.37 8.28
C GLY A 42 9.93 -11.93 7.83
N PRO A 43 10.84 -12.19 8.77
CA PRO A 43 12.20 -12.59 8.36
C PRO A 43 12.35 -14.07 8.07
N GLY A 44 11.43 -14.92 8.52
CA GLY A 44 11.69 -16.35 8.46
C GLY A 44 10.79 -17.23 7.60
N SER A 45 10.48 -16.77 6.38
CA SER A 45 9.66 -17.55 5.46
C SER A 45 10.25 -18.93 5.22
N LEU A 46 11.59 -19.02 5.11
CA LEU A 46 12.22 -20.31 4.86
C LEU A 46 11.95 -21.31 6.00
N ASP A 47 12.15 -20.88 7.25
CA ASP A 47 11.91 -21.79 8.36
C ASP A 47 10.43 -22.12 8.49
N VAL A 48 9.56 -21.14 8.25
CA VAL A 48 8.12 -21.41 8.31
C VAL A 48 7.76 -22.53 7.36
N LEU A 49 8.19 -22.44 6.10
CA LEU A 49 7.83 -23.48 5.13
C LEU A 49 8.42 -24.83 5.53
N ARG A 50 9.68 -24.84 5.95
CA ARG A 50 10.26 -26.11 6.38
C ARG A 50 9.43 -26.77 7.48
N TYR A 51 9.04 -25.98 8.49
CA TYR A 51 8.31 -26.54 9.63
C TYR A 51 6.91 -27.02 9.22
N VAL A 52 6.17 -26.15 8.53
CA VAL A 52 4.79 -26.51 8.17
C VAL A 52 4.79 -27.75 7.26
N LYS A 53 5.72 -27.81 6.28
CA LYS A 53 5.78 -29.00 5.45
C LYS A 53 6.08 -30.25 6.29
N SER A 54 6.96 -30.12 7.28
CA SER A 54 7.28 -31.29 8.11
C SER A 54 6.08 -31.79 8.91
N LEU A 55 5.08 -30.94 9.14
CA LEU A 55 3.94 -31.37 9.93
C LEU A 55 3.04 -32.38 9.21
N GLY A 56 3.10 -32.48 7.89
CA GLY A 56 2.33 -33.52 7.23
C GLY A 56 0.85 -33.43 7.54
N ASP A 57 0.25 -34.60 7.83
CA ASP A 57 -1.18 -34.64 8.05
C ASP A 57 -1.61 -33.92 9.30
N SER A 58 -0.69 -33.39 10.10
CA SER A 58 -1.11 -32.65 11.29
C SER A 58 -1.43 -31.21 11.01
N VAL A 59 -1.29 -30.75 9.78
CA VAL A 59 -1.61 -29.37 9.43
C VAL A 59 -2.55 -29.38 8.24
N ARG A 60 -3.52 -28.46 8.25
CA ARG A 60 -4.48 -28.22 7.17
C ARG A 60 -4.31 -26.77 6.77
N LEU A 61 -3.69 -26.55 5.61
CA LEU A 61 -3.32 -25.22 5.14
C LEU A 61 -4.26 -24.82 4.01
N VAL A 62 -4.47 -23.53 3.86
CA VAL A 62 -4.99 -22.99 2.59
C VAL A 62 -3.99 -21.98 2.09
N LEU A 63 -3.91 -21.82 0.75
CA LEU A 63 -2.98 -20.87 0.16
C LEU A 63 -3.55 -19.44 0.16
N GLY A 64 -2.69 -18.48 0.46
CA GLY A 64 -3.03 -17.07 0.46
C GLY A 64 -2.41 -16.36 -0.74
N ASN A 65 -2.67 -15.05 -0.83
CA ASN A 65 -2.20 -14.33 -2.01
C ASN A 65 -0.67 -14.16 -2.01
N HIS A 66 -0.06 -14.06 -0.82
CA HIS A 66 1.40 -13.94 -0.82
C HIS A 66 2.07 -15.27 -1.10
N ASP A 67 1.39 -16.37 -0.76
CA ASP A 67 1.93 -17.67 -1.16
C ASP A 67 1.95 -17.80 -2.67
N LEU A 68 0.84 -17.42 -3.31
CA LEU A 68 0.79 -17.44 -4.77
C LEU A 68 1.79 -16.49 -5.40
N HIS A 69 1.93 -15.29 -4.86
CA HIS A 69 2.96 -14.40 -5.39
C HIS A 69 4.35 -15.04 -5.30
N LEU A 70 4.67 -15.64 -4.15
CA LEU A 70 5.95 -16.34 -4.03
C LEU A 70 6.11 -17.35 -5.15
N LEU A 71 5.05 -18.11 -5.43
CA LEU A 71 5.15 -19.10 -6.50
C LEU A 71 5.36 -18.40 -7.84
N ALA A 72 4.72 -17.24 -8.03
CA ALA A 72 4.93 -16.48 -9.26
C ALA A 72 6.38 -15.99 -9.40
N VAL A 73 7.01 -15.55 -8.29
CA VAL A 73 8.41 -15.12 -8.36
C VAL A 73 9.29 -16.30 -8.68
N PHE A 74 9.10 -17.41 -7.97
CA PHE A 74 9.86 -18.64 -8.17
C PHE A 74 9.81 -19.08 -9.64
N ALA A 75 8.64 -18.96 -10.26
CA ALA A 75 8.44 -19.43 -11.61
C ALA A 75 8.88 -18.41 -12.65
N GLY A 76 9.40 -17.26 -12.23
CA GLY A 76 9.91 -16.27 -13.17
C GLY A 76 8.83 -15.44 -13.80
N ILE A 77 7.62 -15.51 -13.25
CA ILE A 77 6.47 -14.79 -13.76
C ILE A 77 6.46 -13.36 -13.27
N SER A 78 6.82 -13.15 -12.00
CA SER A 78 6.66 -11.86 -11.34
C SER A 78 7.98 -11.45 -10.70
N ARG A 79 8.14 -10.14 -10.49
CA ARG A 79 9.40 -9.59 -9.97
C ARG A 79 9.41 -9.65 -8.44
N ASN A 80 10.56 -9.98 -7.89
CA ASN A 80 10.77 -10.02 -6.44
C ASN A 80 10.80 -8.60 -5.88
N LYS A 81 9.94 -8.31 -4.91
CA LYS A 81 9.95 -7.01 -4.22
C LYS A 81 10.85 -7.07 -3.00
N PRO A 82 11.82 -6.17 -2.86
CA PRO A 82 12.70 -6.25 -1.69
C PRO A 82 11.96 -6.35 -0.36
N LYS A 83 10.84 -5.65 -0.20
CA LYS A 83 10.19 -5.62 1.10
C LYS A 83 9.59 -6.97 1.50
N ASP A 84 9.38 -7.88 0.55
CA ASP A 84 8.83 -9.20 0.90
C ASP A 84 9.82 -10.10 1.63
N ARG A 85 11.12 -9.86 1.53
CA ARG A 85 12.15 -10.63 2.25
C ARG A 85 12.10 -12.12 1.90
N LEU A 86 11.93 -12.42 0.63
CA LEU A 86 11.84 -13.80 0.15
C LEU A 86 13.17 -14.37 -0.33
N THR A 87 14.22 -13.57 -0.41
CA THR A 87 15.43 -14.08 -1.04
C THR A 87 16.01 -15.29 -0.31
N PRO A 88 16.13 -15.33 1.01
CA PRO A 88 16.69 -16.53 1.65
C PRO A 88 15.94 -17.80 1.27
N LEU A 89 14.61 -17.75 1.19
CA LEU A 89 13.84 -18.92 0.76
C LEU A 89 14.09 -19.23 -0.70
N LEU A 90 14.07 -18.22 -1.57
CA LEU A 90 14.28 -18.51 -2.98
C LEU A 90 15.68 -19.06 -3.24
N GLU A 91 16.67 -18.68 -2.43
CA GLU A 91 18.04 -19.13 -2.66
C GLU A 91 18.37 -20.40 -1.88
N ALA A 92 17.42 -20.93 -1.12
CA ALA A 92 17.70 -22.09 -0.31
C ALA A 92 17.91 -23.31 -1.18
N PRO A 93 18.78 -24.22 -0.76
CA PRO A 93 19.01 -25.43 -1.57
C PRO A 93 17.77 -26.30 -1.68
N ASP A 94 16.84 -26.23 -0.74
CA ASP A 94 15.63 -27.02 -0.82
C ASP A 94 14.44 -26.22 -1.37
N ALA A 95 14.71 -25.07 -2.00
CA ALA A 95 13.64 -24.24 -2.53
C ALA A 95 12.70 -25.04 -3.42
N ASP A 96 13.24 -25.84 -4.36
CA ASP A 96 12.36 -26.61 -5.24
C ASP A 96 11.42 -27.52 -4.44
N GLU A 97 11.96 -28.27 -3.48
CA GLU A 97 11.14 -29.18 -2.68
C GLU A 97 10.05 -28.41 -1.94
N LEU A 98 10.41 -27.29 -1.32
CA LEU A 98 9.44 -26.54 -0.52
C LEU A 98 8.39 -25.91 -1.42
N LEU A 99 8.78 -25.35 -2.55
CA LEU A 99 7.78 -24.64 -3.37
C LEU A 99 6.93 -25.59 -4.19
N ASN A 100 7.48 -26.72 -4.64
CA ASN A 100 6.63 -27.72 -5.27
C ASN A 100 5.66 -28.33 -4.29
N TRP A 101 6.03 -28.45 -3.00
CA TRP A 101 5.03 -28.82 -2.01
C TRP A 101 3.99 -27.71 -1.85
N LEU A 102 4.43 -26.46 -1.82
CA LEU A 102 3.50 -25.39 -1.53
C LEU A 102 2.40 -25.31 -2.58
N ARG A 103 2.77 -25.45 -3.86
CA ARG A 103 1.78 -25.25 -4.91
C ARG A 103 0.76 -26.39 -4.98
N ARG A 104 0.98 -27.51 -4.28
CA ARG A 104 0.03 -28.61 -4.22
CA ARG A 104 0.02 -28.61 -4.25
C ARG A 104 -0.98 -28.47 -3.10
N GLN A 105 -0.92 -27.39 -2.31
CA GLN A 105 -1.79 -27.27 -1.14
C GLN A 105 -3.13 -26.65 -1.52
N PRO A 106 -4.15 -26.87 -0.69
CA PRO A 106 -5.51 -26.48 -1.08
C PRO A 106 -5.74 -24.98 -1.00
N LEU A 107 -6.78 -24.56 -1.68
CA LEU A 107 -7.35 -23.24 -1.47
C LEU A 107 -8.48 -23.26 -0.44
N LEU A 108 -8.99 -24.43 -0.08
CA LEU A 108 -10.21 -24.53 0.72
C LEU A 108 -10.10 -25.77 1.58
N GLN A 109 -10.48 -25.66 2.85
CA GLN A 109 -10.53 -26.78 3.78
C GLN A 109 -11.92 -26.89 4.38
N ILE A 110 -12.47 -28.10 4.46
CA ILE A 110 -13.79 -28.30 5.04
C ILE A 110 -13.72 -29.48 6.01
N ASP A 111 -14.31 -29.28 7.20
CA ASP A 111 -14.48 -30.35 8.19
C ASP A 111 -15.96 -30.43 8.51
N GLU A 112 -16.61 -31.52 8.06
CA GLU A 112 -18.05 -31.63 8.19
C GLU A 112 -18.48 -31.88 9.64
N GLU A 113 -17.70 -32.64 10.42
CA GLU A 113 -18.10 -32.90 11.79
C GLU A 113 -18.05 -31.64 12.65
N LYS A 114 -17.12 -30.73 12.33
CA LYS A 114 -17.03 -29.44 13.00
C LYS A 114 -17.88 -28.38 12.31
N LYS A 115 -18.46 -28.70 11.16
CA LYS A 115 -19.18 -27.71 10.35
C LYS A 115 -18.33 -26.46 10.21
N LEU A 116 -17.10 -26.67 9.73
CA LEU A 116 -16.12 -25.60 9.69
C LEU A 116 -15.51 -25.53 8.30
N VAL A 117 -15.43 -24.31 7.77
CA VAL A 117 -14.83 -24.04 6.47
C VAL A 117 -13.69 -23.06 6.69
N MET A 118 -12.59 -23.26 5.97
CA MET A 118 -11.46 -22.32 5.93
C MET A 118 -11.04 -22.00 4.52
N ALA A 119 -10.83 -20.71 4.24
CA ALA A 119 -10.15 -20.23 3.03
C ALA A 119 -9.40 -18.96 3.42
N HIS A 120 -8.45 -18.53 2.59
CA HIS A 120 -7.60 -17.42 3.01
C HIS A 120 -8.41 -16.15 3.25
N ALA A 121 -9.20 -15.75 2.26
CA ALA A 121 -9.92 -14.49 2.36
C ALA A 121 -11.38 -14.68 2.77
N GLY A 122 -11.89 -15.91 2.78
CA GLY A 122 -13.26 -16.17 3.14
C GLY A 122 -13.98 -16.87 2.01
N ILE A 123 -15.32 -16.90 2.06
CA ILE A 123 -16.16 -17.51 1.02
C ILE A 123 -17.10 -16.41 0.51
N THR A 124 -16.98 -16.06 -0.77
CA THR A 124 -17.85 -15.01 -1.29
C THR A 124 -19.31 -15.44 -1.14
N PRO A 125 -20.20 -14.51 -0.78
CA PRO A 125 -21.63 -14.87 -0.67
C PRO A 125 -22.25 -15.29 -2.00
N GLN A 126 -21.58 -15.08 -3.13
CA GLN A 126 -22.09 -15.54 -4.41
C GLN A 126 -21.90 -17.03 -4.63
N TRP A 127 -21.22 -17.74 -3.71
CA TRP A 127 -20.93 -19.15 -3.86
C TRP A 127 -21.69 -19.97 -2.82
N ASP A 128 -22.29 -21.08 -3.27
CA ASP A 128 -22.72 -22.11 -2.32
C ASP A 128 -21.54 -23.06 -2.11
N LEU A 129 -21.73 -24.06 -1.25
CA LEU A 129 -20.58 -24.90 -0.90
C LEU A 129 -20.13 -25.71 -2.10
N GLN A 130 -21.06 -26.27 -2.88
CA GLN A 130 -20.71 -27.08 -4.03
C GLN A 130 -19.90 -26.29 -5.05
N THR A 131 -20.29 -25.03 -5.29
CA THR A 131 -19.55 -24.19 -6.22
C THR A 131 -18.17 -23.88 -5.66
N ALA A 132 -18.09 -23.50 -4.38
CA ALA A 132 -16.78 -23.23 -3.78
C ALA A 132 -15.86 -24.44 -3.93
N LYS A 133 -16.41 -25.64 -3.74
CA LYS A 133 -15.62 -26.85 -3.86
C LYS A 133 -15.13 -27.04 -5.28
N GLU A 134 -16.01 -26.87 -6.27
CA GLU A 134 -15.59 -27.05 -7.66
C GLU A 134 -14.52 -26.03 -8.05
N CYS A 135 -14.70 -24.76 -7.64
CA CYS A 135 -13.75 -23.73 -8.01
C CYS A 135 -12.39 -23.98 -7.38
N ALA A 136 -12.38 -24.36 -6.09
CA ALA A 136 -11.11 -24.73 -5.47
C ALA A 136 -10.46 -25.86 -6.24
N ARG A 137 -11.23 -26.89 -6.60
CA ARG A 137 -10.61 -28.03 -7.27
C ARG A 137 -10.00 -27.59 -8.60
N ASP A 138 -10.69 -26.71 -9.32
CA ASP A 138 -10.20 -26.27 -10.63
C ASP A 138 -8.86 -25.52 -10.52
N VAL A 139 -8.77 -24.60 -9.55
CA VAL A 139 -7.52 -23.84 -9.44
C VAL A 139 -6.41 -24.71 -8.82
N GLU A 140 -6.74 -25.60 -7.89
CA GLU A 140 -5.72 -26.50 -7.37
C GLU A 140 -5.15 -27.36 -8.49
N ALA A 141 -6.02 -27.76 -9.44
CA ALA A 141 -5.56 -28.59 -10.56
C ALA A 141 -4.56 -27.84 -11.40
N VAL A 142 -4.83 -26.56 -11.69
CA VAL A 142 -3.83 -25.83 -12.50
C VAL A 142 -2.55 -25.60 -11.69
N LEU A 143 -2.66 -25.31 -10.40
CA LEU A 143 -1.47 -25.03 -9.61
C LEU A 143 -0.59 -26.24 -9.42
N SER A 144 -1.18 -27.42 -9.38
CA SER A 144 -0.43 -28.65 -9.16
CA SER A 144 -0.44 -28.66 -9.17
C SER A 144 0.07 -29.27 -10.46
N SER A 145 -0.29 -28.70 -11.60
CA SER A 145 0.05 -29.22 -12.91
C SER A 145 1.43 -28.74 -13.34
N ASP A 146 2.01 -29.43 -14.33
CA ASP A 146 3.30 -29.00 -14.86
C ASP A 146 3.24 -27.62 -15.44
N SER A 147 2.06 -27.19 -15.89
CA SER A 147 1.93 -25.93 -16.60
C SER A 147 1.59 -24.78 -15.67
N TYR A 148 1.89 -24.90 -14.38
CA TYR A 148 1.42 -23.89 -13.43
C TYR A 148 1.93 -22.48 -13.71
N PRO A 149 3.13 -22.25 -14.26
CA PRO A 149 3.53 -20.87 -14.54
C PRO A 149 2.56 -20.13 -15.45
N PHE A 150 1.98 -20.82 -16.44
CA PHE A 150 0.97 -20.19 -17.29
C PHE A 150 -0.22 -19.73 -16.47
N PHE A 151 -0.74 -20.59 -15.58
CA PHE A 151 -1.82 -20.15 -14.72
C PHE A 151 -1.41 -18.93 -13.91
N LEU A 152 -0.27 -19.04 -13.21
CA LEU A 152 0.14 -17.93 -12.36
C LEU A 152 0.17 -16.63 -13.14
N ASP A 153 0.64 -16.69 -14.39
CA ASP A 153 0.66 -15.47 -15.21
C ASP A 153 -0.76 -15.01 -15.50
N ALA A 154 -1.66 -15.95 -15.76
CA ALA A 154 -3.02 -15.58 -16.09
C ALA A 154 -3.82 -15.11 -14.89
N MET A 155 -3.36 -15.38 -13.66
CA MET A 155 -4.18 -15.08 -12.49
C MET A 155 -4.31 -13.58 -12.27
N TYR A 156 -3.26 -12.81 -12.56
CA TYR A 156 -3.26 -11.39 -12.28
C TYR A 156 -4.38 -10.69 -13.04
N GLY A 157 -5.10 -9.83 -12.35
CA GLY A 157 -6.21 -9.08 -12.93
C GLY A 157 -7.27 -8.87 -11.88
N ASP A 158 -8.05 -7.79 -12.06
CA ASP A 158 -9.11 -7.42 -11.12
C ASP A 158 -10.50 -7.72 -11.64
N MET A 159 -10.63 -8.22 -12.88
CA MET A 159 -11.91 -8.52 -13.51
C MET A 159 -11.92 -9.94 -14.06
N PRO A 160 -13.10 -10.56 -14.15
CA PRO A 160 -14.42 -10.07 -13.76
C PRO A 160 -14.55 -10.11 -12.26
N ASN A 161 -15.42 -9.30 -11.66
CA ASN A 161 -15.63 -9.29 -10.22
C ASN A 161 -17.02 -9.78 -9.83
N ASN A 162 -17.77 -10.37 -10.76
CA ASN A 162 -19.09 -10.93 -10.47
C ASN A 162 -19.13 -12.38 -10.89
N TRP A 163 -19.48 -13.28 -9.95
CA TRP A 163 -19.55 -14.70 -10.28
C TRP A 163 -20.75 -15.04 -11.14
N SER A 164 -20.53 -15.95 -12.09
CA SER A 164 -21.59 -16.63 -12.82
C SER A 164 -21.12 -18.01 -13.22
N PRO A 165 -21.99 -19.03 -13.12
CA PRO A 165 -21.62 -20.36 -13.67
C PRO A 165 -21.29 -20.33 -15.16
N GLU A 166 -21.64 -19.26 -15.87
CA GLU A 166 -21.30 -19.12 -17.29
C GLU A 166 -19.89 -18.59 -17.51
N LEU A 167 -19.22 -18.08 -16.48
CA LEU A 167 -17.85 -17.61 -16.67
C LEU A 167 -17.03 -18.74 -17.25
N ARG A 168 -16.18 -18.41 -18.21
CA ARG A 168 -15.32 -19.40 -18.83
C ARG A 168 -13.90 -18.86 -18.89
N GLY A 169 -12.94 -19.79 -18.93
CA GLY A 169 -11.58 -19.43 -19.25
C GLY A 169 -10.91 -18.51 -18.25
N LEU A 170 -10.10 -17.60 -18.81
CA LEU A 170 -9.20 -16.77 -18.00
C LEU A 170 -9.98 -15.99 -16.96
N GLY A 171 -11.11 -15.41 -17.36
CA GLY A 171 -11.90 -14.65 -16.41
C GLY A 171 -12.37 -15.50 -15.27
N ARG A 172 -12.73 -16.75 -15.57
CA ARG A 172 -13.20 -17.65 -14.51
C ARG A 172 -12.10 -17.92 -13.50
N LEU A 173 -10.91 -18.29 -13.97
CA LEU A 173 -9.79 -18.52 -13.05
C LEU A 173 -9.45 -17.29 -12.24
N ARG A 174 -9.43 -16.12 -12.88
CA ARG A 174 -9.08 -14.89 -12.17
C ARG A 174 -10.10 -14.58 -11.07
N PHE A 175 -11.40 -14.71 -11.36
CA PHE A 175 -12.38 -14.50 -10.30
C PHE A 175 -12.16 -15.49 -9.16
N ILE A 176 -12.04 -16.78 -9.47
CA ILE A 176 -11.86 -17.75 -8.41
C ILE A 176 -10.68 -17.36 -7.53
N THR A 177 -9.57 -16.99 -8.16
CA THR A 177 -8.37 -16.65 -7.41
C THR A 177 -8.59 -15.43 -6.53
N ASN A 178 -9.20 -14.39 -7.09
CA ASN A 178 -9.44 -13.19 -6.33
C ASN A 178 -10.38 -13.45 -5.16
N ALA A 179 -11.43 -14.26 -5.37
CA ALA A 179 -12.41 -14.55 -4.33
C ALA A 179 -11.77 -15.32 -3.17
N PHE A 180 -10.95 -16.31 -3.50
CA PHE A 180 -10.33 -17.09 -2.42
C PHE A 180 -9.21 -16.32 -1.71
N THR A 181 -8.46 -15.47 -2.43
CA THR A 181 -7.20 -14.98 -1.84
C THR A 181 -7.07 -13.47 -1.71
N ARG A 182 -7.96 -12.67 -2.29
CA ARG A 182 -7.85 -11.21 -2.21
C ARG A 182 -9.08 -10.50 -1.67
N MET A 183 -10.26 -11.14 -1.70
CA MET A 183 -11.53 -10.55 -1.31
C MET A 183 -11.47 -9.88 0.06
N ARG A 184 -12.07 -8.69 0.15
CA ARG A 184 -12.45 -8.10 1.44
C ARG A 184 -13.87 -7.56 1.37
N PHE A 185 -14.06 -6.48 0.62
CA PHE A 185 -15.36 -5.84 0.49
C PHE A 185 -16.16 -6.34 -0.71
N CYS A 186 -17.47 -6.33 -0.54
CA CYS A 186 -18.45 -6.62 -1.58
C CYS A 186 -19.40 -5.45 -1.76
N PHE A 187 -19.87 -5.28 -3.00
CA PHE A 187 -21.03 -4.43 -3.25
C PHE A 187 -22.28 -5.16 -2.78
N PRO A 188 -23.41 -4.47 -2.65
CA PRO A 188 -24.63 -5.10 -2.12
C PRO A 188 -25.02 -6.37 -2.86
N ASN A 189 -24.79 -6.44 -4.16
CA ASN A 189 -25.13 -7.65 -4.91
C ASN A 189 -24.06 -8.73 -4.81
N GLY A 190 -23.04 -8.54 -3.96
CA GLY A 190 -22.02 -9.54 -3.76
C GLY A 190 -20.81 -9.43 -4.67
N GLN A 191 -20.84 -8.51 -5.63
CA GLN A 191 -19.71 -8.31 -6.52
C GLN A 191 -18.48 -7.87 -5.73
N LEU A 192 -17.31 -8.40 -6.11
CA LEU A 192 -16.07 -8.10 -5.38
C LEU A 192 -15.57 -6.70 -5.69
N ASP A 193 -15.15 -5.98 -4.65
CA ASP A 193 -14.37 -4.77 -4.81
C ASP A 193 -12.89 -5.12 -4.58
N MET A 194 -12.04 -4.79 -5.55
CA MET A 194 -10.63 -5.18 -5.49
CA MET A 194 -10.63 -5.18 -5.52
C MET A 194 -9.70 -4.04 -5.10
N TYR A 195 -10.24 -2.92 -4.62
CA TYR A 195 -9.40 -1.75 -4.30
C TYR A 195 -9.35 -1.39 -2.82
N SER A 196 -10.45 -1.45 -2.10
CA SER A 196 -10.42 -0.99 -0.70
C SER A 196 -9.81 -2.03 0.26
N LYS A 197 -8.76 -1.66 1.00
CA LYS A 197 -8.15 -2.58 1.99
C LYS A 197 -8.31 -1.99 3.40
N GLU A 198 -9.24 -1.05 3.57
CA GLU A 198 -9.42 -0.37 4.87
C GLU A 198 -10.30 -1.20 5.78
N SER A 199 -10.48 -0.77 7.03
CA SER A 199 -11.40 -1.41 7.94
C SER A 199 -12.83 -1.11 7.51
N PRO A 200 -13.79 -1.95 7.89
CA PRO A 200 -15.17 -1.71 7.46
C PRO A 200 -15.69 -0.33 7.80
N GLU A 201 -15.27 0.26 8.92
CA GLU A 201 -15.78 1.57 9.32
C GLU A 201 -15.20 2.68 8.44
N GLU A 202 -14.01 2.47 7.88
CA GLU A 202 -13.32 3.46 7.03
C GLU A 202 -13.61 3.28 5.55
N ALA A 203 -14.34 2.24 5.16
CA ALA A 203 -14.59 1.95 3.75
C ALA A 203 -15.68 2.89 3.21
N PRO A 204 -15.66 3.21 1.89
CA PRO A 204 -16.69 4.08 1.28
C PRO A 204 -17.96 3.29 1.00
N ALA A 205 -19.12 3.94 1.13
CA ALA A 205 -20.36 3.26 0.76
C ALA A 205 -20.34 2.95 -0.74
N PRO A 206 -21.11 1.95 -1.20
CA PRO A 206 -22.01 1.07 -0.44
C PRO A 206 -21.30 -0.22 -0.07
N LEU A 207 -19.98 -0.16 0.07
CA LEU A 207 -19.20 -1.38 0.29
C LEU A 207 -19.48 -1.94 1.68
N LYS A 208 -19.64 -3.26 1.75
CA LYS A 208 -19.77 -3.95 3.03
C LYS A 208 -18.86 -5.17 3.03
N PRO A 209 -18.37 -5.59 4.19
CA PRO A 209 -17.56 -6.82 4.26
C PRO A 209 -18.29 -8.00 3.65
N TRP A 210 -17.51 -8.88 3.02
CA TRP A 210 -18.10 -10.05 2.39
C TRP A 210 -18.95 -10.83 3.37
N PHE A 211 -18.55 -10.86 4.65
CA PHE A 211 -19.28 -11.64 5.64
C PHE A 211 -20.52 -10.92 6.15
N ALA A 212 -20.73 -9.66 5.76
CA ALA A 212 -21.93 -8.92 6.11
C ALA A 212 -23.08 -9.20 5.17
N ILE A 213 -22.82 -9.91 4.08
CA ILE A 213 -23.84 -10.26 3.09
C ILE A 213 -24.24 -11.70 3.31
N PRO A 214 -25.51 -12.00 3.58
CA PRO A 214 -25.90 -13.39 3.86
C PRO A 214 -25.59 -14.30 2.67
N GLY A 215 -24.83 -15.36 2.92
CA GLY A 215 -24.47 -16.31 1.91
C GLY A 215 -24.78 -17.72 2.36
N PRO A 216 -24.96 -18.63 1.39
CA PRO A 216 -25.42 -19.98 1.75
C PRO A 216 -24.39 -20.78 2.52
N VAL A 217 -23.08 -20.53 2.34
CA VAL A 217 -22.11 -21.29 3.11
C VAL A 217 -22.13 -20.83 4.55
N ALA A 218 -22.10 -19.51 4.75
CA ALA A 218 -22.03 -18.95 6.09
C ALA A 218 -23.29 -19.22 6.90
N GLU A 219 -24.41 -19.49 6.23
CA GLU A 219 -25.64 -19.83 6.93
C GLU A 219 -25.58 -21.22 7.54
N GLU A 220 -24.74 -22.11 7.00
CA GLU A 220 -24.65 -23.48 7.48
C GLU A 220 -23.31 -23.83 8.13
N TYR A 221 -22.25 -23.10 7.82
CA TYR A 221 -20.91 -23.45 8.28
C TYR A 221 -20.28 -22.28 8.99
N SER A 222 -19.46 -22.58 9.99
CA SER A 222 -18.51 -21.58 10.46
C SER A 222 -17.44 -21.38 9.40
N ILE A 223 -16.94 -20.16 9.27
CA ILE A 223 -15.88 -19.82 8.33
C ILE A 223 -14.74 -19.16 9.08
N ALA A 224 -13.56 -19.76 9.01
CA ALA A 224 -12.34 -19.17 9.52
C ALA A 224 -11.56 -18.64 8.34
N PHE A 225 -10.96 -17.46 8.48
CA PHE A 225 -10.16 -16.89 7.40
C PHE A 225 -9.08 -15.99 7.99
N GLY A 226 -8.19 -15.54 7.12
CA GLY A 226 -7.11 -14.64 7.54
C GLY A 226 -7.16 -13.36 6.72
N HIS A 227 -6.03 -13.00 6.11
CA HIS A 227 -5.92 -12.02 5.02
C HIS A 227 -6.17 -10.57 5.42
N TRP A 228 -7.31 -10.31 6.08
CA TRP A 228 -7.81 -8.93 6.20
C TRP A 228 -7.28 -8.34 7.51
N ALA A 229 -6.03 -7.87 7.46
CA ALA A 229 -5.35 -7.46 8.70
C ALA A 229 -5.99 -6.23 9.32
N SER A 230 -6.44 -5.27 8.50
CA SER A 230 -7.05 -4.04 9.02
C SER A 230 -8.38 -4.31 9.72
N LEU A 231 -8.94 -5.50 9.56
CA LEU A 231 -10.07 -5.92 10.37
C LEU A 231 -9.64 -6.16 11.81
N GLU A 232 -8.38 -6.48 12.04
CA GLU A 232 -7.83 -6.67 13.39
C GLU A 232 -8.56 -7.77 14.14
N GLY A 233 -9.11 -8.75 13.41
CA GLY A 233 -9.82 -9.84 14.02
C GLY A 233 -11.11 -9.46 14.73
N LYS A 234 -11.61 -8.24 14.51
CA LYS A 234 -12.76 -7.74 15.24
C LYS A 234 -13.93 -7.52 14.29
N GLY A 235 -15.11 -7.34 14.87
CA GLY A 235 -16.26 -6.91 14.11
C GLY A 235 -16.92 -8.00 13.27
N THR A 236 -16.79 -9.25 13.65
CA THR A 236 -17.40 -10.24 12.77
C THR A 236 -18.68 -10.83 13.38
N PRO A 237 -19.59 -11.31 12.53
CA PRO A 237 -20.79 -11.98 13.02
C PRO A 237 -20.44 -13.27 13.73
N GLU A 238 -21.46 -13.81 14.42
CA GLU A 238 -21.32 -15.14 15.00
C GLU A 238 -21.03 -16.15 13.90
N GLY A 239 -20.12 -17.08 14.18
CA GLY A 239 -19.76 -18.08 13.19
C GLY A 239 -18.69 -17.66 12.20
N ILE A 240 -18.22 -16.42 12.26
CA ILE A 240 -17.17 -15.91 11.36
C ILE A 240 -15.95 -15.58 12.19
N TYR A 241 -14.82 -16.20 11.87
CA TYR A 241 -13.59 -16.07 12.66
C TYR A 241 -12.51 -15.43 11.82
N ALA A 242 -12.23 -14.15 12.08
CA ALA A 242 -11.17 -13.42 11.39
C ALA A 242 -9.89 -13.58 12.19
N LEU A 243 -9.01 -14.47 11.74
CA LEU A 243 -7.85 -14.83 12.53
C LEU A 243 -6.59 -14.00 12.24
N ASP A 244 -6.56 -13.15 11.22
CA ASP A 244 -5.34 -12.39 10.90
C ASP A 244 -5.28 -11.12 11.74
N THR A 245 -4.45 -11.13 12.78
CA THR A 245 -4.30 -9.96 13.64
C THR A 245 -2.96 -9.25 13.42
N GLY A 246 -2.36 -9.44 12.25
CA GLY A 246 -1.26 -8.59 11.80
C GLY A 246 0.07 -8.80 12.47
N CYS A 247 0.46 -10.06 12.72
CA CYS A 247 1.74 -10.30 13.39
C CYS A 247 2.91 -9.65 12.66
N CYS A 248 3.01 -9.84 11.34
CA CYS A 248 4.15 -9.27 10.63
C CYS A 248 4.14 -7.74 10.68
N TRP A 249 3.00 -7.13 10.99
CA TRP A 249 2.84 -5.68 11.04
C TRP A 249 3.07 -5.10 12.43
N GLY A 250 3.64 -5.87 13.35
CA GLY A 250 3.71 -5.42 14.73
C GLY A 250 2.44 -5.67 15.52
N GLY A 251 1.49 -6.41 14.95
CA GLY A 251 0.31 -6.82 15.67
C GLY A 251 0.58 -8.03 16.52
N THR A 252 -0.26 -9.06 16.38
CA THR A 252 -0.13 -10.27 17.17
C THR A 252 -0.43 -11.46 16.26
N LEU A 253 0.07 -12.62 16.68
CA LEU A 253 -0.33 -13.89 16.10
C LEU A 253 -1.42 -14.50 16.99
N THR A 254 -2.54 -14.88 16.37
CA THR A 254 -3.70 -15.40 17.09
C THR A 254 -3.94 -16.87 16.77
N CYS A 255 -4.24 -17.64 17.83
CA CYS A 255 -4.54 -19.07 17.77
C CYS A 255 -5.86 -19.28 18.48
N LEU A 256 -6.81 -19.94 17.80
CA LEU A 256 -8.12 -20.30 18.34
C LEU A 256 -8.17 -21.82 18.55
N ARG A 257 -8.46 -22.27 19.76
CA ARG A 257 -8.72 -23.68 20.00
C ARG A 257 -10.20 -23.93 19.78
N TRP A 258 -10.50 -24.87 18.87
CA TRP A 258 -11.88 -25.06 18.40
C TRP A 258 -12.78 -25.63 19.48
N GLU A 259 -12.28 -26.57 20.28
CA GLU A 259 -13.18 -27.32 21.16
C GLU A 259 -13.87 -26.41 22.16
N ASP A 260 -13.16 -25.43 22.70
CA ASP A 260 -13.73 -24.50 23.67
C ASP A 260 -13.71 -23.06 23.18
N LYS A 261 -13.33 -22.84 21.92
CA LYS A 261 -13.28 -21.48 21.36
C LYS A 261 -12.41 -20.58 22.22
N GLN A 262 -11.30 -21.11 22.69
CA GLN A 262 -10.43 -20.33 23.55
C GLN A 262 -9.33 -19.72 22.71
N TYR A 263 -9.08 -18.44 22.88
CA TYR A 263 -8.03 -17.77 22.12
C TYR A 263 -6.73 -17.70 22.92
N PHE A 264 -5.62 -17.84 22.21
CA PHE A 264 -4.26 -17.66 22.68
C PHE A 264 -3.53 -16.70 21.75
N VAL A 265 -2.76 -15.77 22.31
CA VAL A 265 -2.15 -14.71 21.52
C VAL A 265 -0.66 -14.64 21.80
N GLN A 266 0.12 -14.44 20.75
CA GLN A 266 1.56 -14.24 20.80
C GLN A 266 1.90 -12.85 20.28
N PRO A 267 2.50 -11.99 21.08
CA PRO A 267 2.87 -10.67 20.59
C PRO A 267 3.96 -10.75 19.52
N SER A 268 3.86 -9.83 18.56
CA SER A 268 4.87 -9.68 17.53
C SER A 268 6.22 -9.33 18.16
N ASN A 269 7.30 -9.83 17.55
CA ASN A 269 8.65 -9.47 17.99
C ASN A 269 9.18 -8.21 17.30
N ARG A 270 8.48 -7.72 16.29
CA ARG A 270 8.90 -6.53 15.55
C ARG A 270 8.70 -5.26 16.37
PB ADP B 1 -1.96 -8.92 2.57
O1B ADP B 1 -1.09 -9.71 3.57
O2B ADP B 1 -1.13 -8.07 1.65
O3B ADP B 1 -2.79 -9.90 1.78
PA ADP B 1 -2.78 -7.00 4.63
O1A ADP B 1 -4.15 -6.79 5.22
O2A ADP B 1 -1.89 -7.70 5.65
O3A ADP B 1 -3.00 -7.94 3.31
O5' ADP B 1 -2.08 -5.56 4.21
C5' ADP B 1 -2.62 -4.79 3.13
C4' ADP B 1 -2.33 -3.30 3.40
O4' ADP B 1 -3.01 -2.97 4.63
C3' ADP B 1 -0.81 -3.12 3.62
O3' ADP B 1 -0.23 -2.07 2.84
C2' ADP B 1 -0.66 -2.66 5.09
O2' ADP B 1 0.14 -1.49 5.17
C1' ADP B 1 -2.10 -2.26 5.48
N9 ADP B 1 -2.46 -2.57 6.88
C8 ADP B 1 -1.99 -3.52 7.72
N7 ADP B 1 -2.60 -3.41 8.89
C5 ADP B 1 -3.50 -2.37 8.82
C6 ADP B 1 -4.40 -1.80 9.74
N6 ADP B 1 -4.54 -2.28 11.01
N1 ADP B 1 -5.15 -0.73 9.34
C2 ADP B 1 -5.04 -0.24 8.08
N3 ADP B 1 -4.17 -0.78 7.20
C4 ADP B 1 -3.40 -1.85 7.57
H5'1 ADP B 1 -3.58 -4.93 3.06
H5'2 ADP B 1 -2.20 -5.06 2.30
H4' ADP B 1 -2.61 -2.69 2.69
H3' ADP B 1 -0.41 -3.98 3.41
H2' ADP B 1 -0.29 -3.38 5.62
HO2' ADP B 1 0.05 -1.10 5.95
H1' ADP B 1 -2.15 -1.30 5.34
H8 ADP B 1 -1.34 -4.15 7.50
HN61 ADP B 1 -5.10 -1.92 11.56
HN62 ADP B 1 -4.06 -2.95 11.28
H2 ADP B 1 -5.57 0.48 7.83
N ALA C 2 12.47 37.90 2.80
CA ALA C 2 13.05 36.62 3.19
C ALA C 2 12.38 35.51 2.42
N THR C 3 13.05 34.36 2.31
CA THR C 3 12.51 33.18 1.62
C THR C 3 12.39 32.06 2.64
N TYR C 4 11.18 31.51 2.77
CA TYR C 4 10.93 30.42 3.71
C TYR C 4 10.49 29.18 2.95
N LEU C 5 11.00 28.03 3.36
CA LEU C 5 10.60 26.74 2.79
C LEU C 5 10.03 25.88 3.91
N ILE C 6 8.81 25.40 3.72
CA ILE C 6 8.14 24.60 4.74
C ILE C 6 7.74 23.26 4.14
N GLY C 7 7.83 22.20 4.95
CA GLY C 7 7.53 20.85 4.49
C GLY C 7 6.03 20.55 4.56
N ASP C 8 5.72 19.25 4.43
CA ASP C 8 4.33 18.83 4.21
C ASP C 8 3.44 19.35 5.34
N VAL C 9 2.41 20.12 4.97
CA VAL C 9 1.51 20.71 5.95
C VAL C 9 0.43 19.71 6.39
N HIS C 10 -0.05 18.86 5.47
CA HIS C 10 -1.08 17.85 5.76
C HIS C 10 -2.22 18.39 6.64
N GLY C 11 -2.84 19.47 6.18
CA GLY C 11 -4.02 19.98 6.87
C GLY C 11 -3.78 20.59 8.23
N CYS C 12 -2.52 20.77 8.63
CA CYS C 12 -2.21 21.33 9.94
C CYS C 12 -2.16 22.86 9.85
N TYR C 13 -3.35 23.44 9.67
CA TYR C 13 -3.47 24.88 9.45
C TYR C 13 -2.94 25.70 10.63
N ASP C 14 -3.33 25.34 11.86
CA ASP C 14 -2.92 26.14 13.01
C ASP C 14 -1.40 26.13 13.18
N GLU C 15 -0.76 24.97 12.94
CA GLU C 15 0.69 24.89 13.04
C GLU C 15 1.36 25.74 11.97
N LEU C 16 0.81 25.70 10.75
CA LEU C 16 1.37 26.52 9.69
C LEU C 16 1.31 27.98 10.07
N ILE C 17 0.14 28.45 10.54
CA ILE C 17 0.00 29.87 10.85
C ILE C 17 0.91 30.27 12.01
N ALA C 18 1.02 29.42 13.04
CA ALA C 18 1.90 29.72 14.17
C ALA C 18 3.35 29.82 13.71
N LEU C 19 3.78 28.93 12.82
CA LEU C 19 5.14 28.99 12.31
C LEU C 19 5.37 30.26 11.50
N LEU C 20 4.40 30.61 10.64
CA LEU C 20 4.56 31.82 9.83
C LEU C 20 4.54 33.06 10.69
N HIS C 21 3.77 33.06 11.79
CA HIS C 21 3.79 34.21 12.68
C HIS C 21 5.12 34.29 13.43
N LYS C 22 5.69 33.14 13.80
CA LYS C 22 6.99 33.13 14.46
C LYS C 22 8.07 33.83 13.63
N VAL C 23 8.13 33.57 12.32
CA VAL C 23 9.16 34.18 11.48
C VAL C 23 8.71 35.52 10.92
N GLU C 24 7.50 35.98 11.30
CA GLU C 24 6.94 37.23 10.82
C GLU C 24 6.80 37.25 9.30
N PHE C 25 6.25 36.16 8.76
CA PHE C 25 6.07 36.06 7.32
C PHE C 25 5.19 37.20 6.81
N THR C 26 5.70 37.94 5.84
CA THR C 26 4.99 39.11 5.31
C THR C 26 4.89 39.03 3.79
N PRO C 27 3.73 38.64 3.25
CA PRO C 27 3.57 38.61 1.79
C PRO C 27 3.94 39.94 1.17
N GLY C 28 4.55 39.89 -0.01
CA GLY C 28 5.04 41.06 -0.68
C GLY C 28 6.48 41.39 -0.37
N LYS C 29 6.93 41.09 0.85
CA LYS C 29 8.34 41.15 1.19
C LYS C 29 8.96 39.76 1.27
N ASP C 30 8.15 38.74 1.57
CA ASP C 30 8.66 37.38 1.75
C ASP C 30 8.01 36.45 0.74
N THR C 31 8.68 35.34 0.46
CA THR C 31 8.13 34.29 -0.39
C THR C 31 8.14 32.98 0.40
N LEU C 32 7.06 32.20 0.27
CA LEU C 32 6.97 30.91 0.95
C LEU C 32 6.98 29.83 -0.12
N TRP C 33 7.85 28.84 0.07
CA TRP C 33 7.85 27.63 -0.75
C TRP C 33 7.23 26.52 0.09
N LEU C 34 6.34 25.72 -0.52
CA LEU C 34 5.69 24.61 0.17
C LEU C 34 5.96 23.32 -0.60
N THR C 35 6.34 22.25 0.11
CA THR C 35 6.69 21.03 -0.59
C THR C 35 5.50 20.19 -1.01
N GLY C 36 4.27 20.66 -0.82
CA GLY C 36 3.09 19.92 -1.25
C GLY C 36 2.64 18.98 -0.15
N ASP C 37 1.68 18.11 -0.49
CA ASP C 37 0.87 17.42 0.51
C ASP C 37 0.32 18.44 1.51
N LEU C 38 -0.43 19.40 0.97
CA LEU C 38 -1.11 20.43 1.77
C LEU C 38 -2.28 19.87 2.55
N VAL C 39 -2.82 18.73 2.14
CA VAL C 39 -4.13 18.26 2.57
C VAL C 39 -4.00 16.85 3.13
N ALA C 40 -5.10 16.42 3.78
CA ALA C 40 -5.30 15.08 4.31
C ALA C 40 -4.62 14.92 5.66
N ARG C 41 -5.18 14.03 6.48
CA ARG C 41 -4.65 13.61 7.77
C ARG C 41 -4.91 14.65 8.85
N GLY C 42 -4.39 15.85 8.68
CA GLY C 42 -4.71 16.92 9.59
C GLY C 42 -6.15 17.37 9.45
N PRO C 43 -6.61 18.18 10.38
CA PRO C 43 -8.03 18.54 10.39
C PRO C 43 -8.39 19.72 9.51
N GLY C 44 -7.40 20.51 9.08
CA GLY C 44 -7.72 21.77 8.43
C GLY C 44 -7.33 21.92 6.96
N SER C 45 -7.55 20.88 6.16
CA SER C 45 -7.25 20.97 4.73
C SER C 45 -7.99 22.10 4.04
N LEU C 46 -9.25 22.31 4.42
CA LEU C 46 -10.04 23.40 3.84
C LEU C 46 -9.41 24.75 4.16
N ASP C 47 -9.03 24.97 5.41
CA ASP C 47 -8.41 26.24 5.77
C ASP C 47 -7.04 26.38 5.11
N VAL C 48 -6.28 25.29 5.05
CA VAL C 48 -4.97 25.36 4.39
C VAL C 48 -5.11 25.82 2.96
N LEU C 49 -5.97 25.16 2.19
CA LEU C 49 -6.12 25.56 0.79
C LEU C 49 -6.63 27.00 0.67
N ARG C 50 -7.62 27.39 1.48
CA ARG C 50 -8.10 28.77 1.37
C ARG C 50 -6.97 29.78 1.58
N TYR C 51 -6.17 29.55 2.62
CA TYR C 51 -5.09 30.49 2.94
C TYR C 51 -4.02 30.49 1.86
N VAL C 52 -3.53 29.29 1.48
CA VAL C 52 -2.44 29.23 0.50
C VAL C 52 -2.87 29.85 -0.83
N LYS C 53 -4.09 29.59 -1.27
CA LYS C 53 -4.58 30.22 -2.49
C LYS C 53 -4.61 31.74 -2.33
N SER C 54 -5.05 32.22 -1.16
CA SER C 54 -5.10 33.67 -0.96
C SER C 54 -3.74 34.33 -1.03
N LEU C 55 -2.66 33.56 -0.82
CA LEU C 55 -1.32 34.16 -0.88
C LEU C 55 -0.86 34.49 -2.30
N GLY C 56 -1.49 33.92 -3.33
CA GLY C 56 -1.09 34.31 -4.68
C GLY C 56 0.38 34.07 -4.94
N ASP C 57 1.04 35.03 -5.60
CA ASP C 57 2.45 34.95 -6.00
C ASP C 57 3.42 34.97 -4.83
N SER C 58 2.94 35.10 -3.60
CA SER C 58 3.83 35.02 -2.45
C SER C 58 4.09 33.59 -2.02
N VAL C 59 3.50 32.62 -2.70
CA VAL C 59 3.77 31.20 -2.43
C VAL C 59 4.17 30.50 -3.72
N ARG C 60 5.13 29.58 -3.60
CA ARG C 60 5.60 28.72 -4.67
C ARG C 60 5.37 27.29 -4.18
N LEU C 61 4.37 26.63 -4.77
CA LEU C 61 3.90 25.32 -4.34
C LEU C 61 4.36 24.27 -5.33
N VAL C 62 4.54 23.05 -4.86
CA VAL C 62 4.57 21.89 -5.76
C VAL C 62 3.54 20.90 -5.26
N LEU C 63 2.95 20.12 -6.18
CA LEU C 63 1.94 19.14 -5.79
C LEU C 63 2.59 17.86 -5.31
N GLY C 64 2.03 17.30 -4.24
CA GLY C 64 2.43 16.03 -3.68
C GLY C 64 1.43 14.93 -4.02
N ASN C 65 1.71 13.73 -3.53
CA ASN C 65 0.85 12.60 -3.86
C ASN C 65 -0.51 12.70 -3.19
N HIS C 66 -0.59 13.31 -2.00
CA HIS C 66 -1.91 13.45 -1.39
C HIS C 66 -2.74 14.55 -2.04
N ASP C 67 -2.09 15.57 -2.61
CA ASP C 67 -2.81 16.56 -3.38
C ASP C 67 -3.44 15.93 -4.60
N LEU C 68 -2.67 15.12 -5.33
CA LEU C 68 -3.21 14.40 -6.47
C LEU C 68 -4.32 13.43 -6.08
N HIS C 69 -4.17 12.73 -4.97
CA HIS C 69 -5.26 11.85 -4.56
C HIS C 69 -6.54 12.64 -4.31
N LEU C 70 -6.43 13.77 -3.62
CA LEU C 70 -7.60 14.63 -3.40
C LEU C 70 -8.24 15.00 -4.72
N LEU C 71 -7.42 15.34 -5.72
CA LEU C 71 -7.99 15.72 -7.01
C LEU C 71 -8.70 14.53 -7.65
N ALA C 72 -8.14 13.33 -7.46
CA ALA C 72 -8.77 12.12 -7.97
C ALA C 72 -10.11 11.86 -7.30
N VAL C 73 -10.21 12.13 -5.99
CA VAL C 73 -11.50 12.01 -5.31
C VAL C 73 -12.48 13.05 -5.83
N PHE C 74 -12.03 14.29 -5.93
CA PHE C 74 -12.84 15.40 -6.46
C PHE C 74 -13.43 15.06 -7.83
N ALA C 75 -12.64 14.41 -8.67
CA ALA C 75 -13.03 14.09 -10.04
C ALA C 75 -13.82 12.80 -10.17
N GLY C 76 -14.11 12.11 -9.06
CA GLY C 76 -14.88 10.88 -9.13
C GLY C 76 -14.08 9.67 -9.57
N ILE C 77 -12.76 9.79 -9.61
CA ILE C 77 -11.87 8.71 -10.03
C ILE C 77 -11.62 7.76 -8.87
N SER C 78 -11.47 8.30 -7.68
CA SER C 78 -11.07 7.54 -6.50
C SER C 78 -12.08 7.84 -5.41
N ARG C 79 -12.28 6.91 -4.49
CA ARG C 79 -13.32 7.09 -3.50
C ARG C 79 -12.78 7.78 -2.26
N ASN C 80 -13.59 8.67 -1.69
CA ASN C 80 -13.20 9.42 -0.51
C ASN C 80 -13.16 8.50 0.71
N LYS C 81 -12.01 8.45 1.37
CA LYS C 81 -11.91 7.74 2.63
C LYS C 81 -12.18 8.74 3.75
N PRO C 82 -13.20 8.54 4.59
CA PRO C 82 -13.51 9.53 5.64
C PRO C 82 -12.31 9.90 6.49
N LYS C 83 -11.44 8.93 6.77
CA LYS C 83 -10.32 9.12 7.68
C LYS C 83 -9.30 10.12 7.14
N ASP C 84 -9.34 10.43 5.84
CA ASP C 84 -8.44 11.41 5.24
C ASP C 84 -8.75 12.82 5.73
N ARG C 85 -9.95 13.02 6.26
CA ARG C 85 -10.46 14.33 6.70
CA ARG C 85 -10.43 14.34 6.71
C ARG C 85 -10.52 15.32 5.54
N LEU C 86 -10.85 14.82 4.36
CA LEU C 86 -11.06 15.69 3.21
C LEU C 86 -12.51 16.09 3.04
N THR C 87 -13.45 15.49 3.77
CA THR C 87 -14.85 15.76 3.48
C THR C 87 -15.22 17.23 3.63
N PRO C 88 -14.81 17.94 4.68
CA PRO C 88 -15.18 19.36 4.78
C PRO C 88 -14.78 20.16 3.55
N LEU C 89 -13.58 19.90 3.03
CA LEU C 89 -13.12 20.59 1.83
C LEU C 89 -13.93 20.20 0.61
N LEU C 90 -14.19 18.91 0.43
CA LEU C 90 -14.95 18.48 -0.73
C LEU C 90 -16.38 19.02 -0.71
N GLU C 91 -16.95 19.23 0.47
CA GLU C 91 -18.34 19.67 0.61
C GLU C 91 -18.48 21.17 0.69
N ALA C 92 -17.37 21.90 0.70
CA ALA C 92 -17.41 23.35 0.87
C ALA C 92 -17.96 24.02 -0.38
N PRO C 93 -18.66 25.15 -0.21
CA PRO C 93 -19.18 25.85 -1.39
C PRO C 93 -18.09 26.32 -2.32
N ASP C 94 -16.88 26.56 -1.84
CA ASP C 94 -15.82 26.99 -2.74
C ASP C 94 -14.93 25.83 -3.19
N ALA C 95 -15.39 24.58 -3.01
CA ALA C 95 -14.59 23.42 -3.38
C ALA C 95 -14.11 23.50 -4.83
N ASP C 96 -15.02 23.80 -5.76
CA ASP C 96 -14.62 23.89 -7.16
C ASP C 96 -13.52 24.92 -7.36
N GLU C 97 -13.69 26.12 -6.80
CA GLU C 97 -12.68 27.16 -6.98
C GLU C 97 -11.32 26.69 -6.43
N LEU C 98 -11.33 26.10 -5.24
CA LEU C 98 -10.07 25.69 -4.61
C LEU C 98 -9.41 24.56 -5.37
N LEU C 99 -10.18 23.56 -5.80
CA LEU C 99 -9.57 22.38 -6.42
C LEU C 99 -9.19 22.64 -7.87
N ASN C 100 -9.98 23.43 -8.60
CA ASN C 100 -9.54 23.85 -9.91
C ASN C 100 -8.30 24.72 -9.79
N TRP C 101 -8.16 25.49 -8.70
CA TRP C 101 -6.88 26.17 -8.49
C TRP C 101 -5.77 25.16 -8.21
N LEU C 102 -6.04 24.16 -7.37
CA LEU C 102 -4.99 23.23 -6.95
C LEU C 102 -4.42 22.49 -8.15
N ARG C 103 -5.29 22.07 -9.07
CA ARG C 103 -4.82 21.23 -10.18
C ARG C 103 -3.99 22.00 -11.20
N ARG C 104 -3.97 23.34 -11.14
CA ARG C 104 -3.13 24.14 -12.02
C ARG C 104 -1.76 24.47 -11.39
N GLN C 105 -1.41 23.87 -10.23
CA GLN C 105 -0.15 24.22 -9.57
C GLN C 105 0.99 23.34 -10.07
N PRO C 106 2.24 23.80 -9.94
CA PRO C 106 3.35 23.08 -10.57
C PRO C 106 3.67 21.80 -9.85
N LEU C 107 4.42 20.93 -10.55
CA LEU C 107 5.08 19.78 -9.96
C LEU C 107 6.53 20.10 -9.55
N LEU C 108 7.09 21.20 -10.03
CA LEU C 108 8.51 21.46 -9.91
C LEU C 108 8.69 22.97 -9.84
N GLN C 109 9.57 23.43 -8.95
CA GLN C 109 9.89 24.84 -8.85
C GLN C 109 11.40 25.03 -8.95
N ILE C 110 11.84 26.01 -9.73
CA ILE C 110 13.26 26.29 -9.90
C ILE C 110 13.52 27.77 -9.72
N ASP C 111 14.52 28.11 -8.91
CA ASP C 111 14.99 29.48 -8.74
C ASP C 111 16.48 29.49 -9.10
N GLU C 112 16.81 30.10 -10.24
CA GLU C 112 18.20 30.07 -10.71
C GLU C 112 19.11 30.94 -9.86
N GLU C 113 18.58 32.06 -9.35
CA GLU C 113 19.41 32.95 -8.54
C GLU C 113 19.79 32.31 -7.20
N LYS C 114 18.92 31.44 -6.68
CA LYS C 114 19.26 30.68 -5.49
C LYS C 114 19.89 29.34 -5.83
N LYS C 115 19.91 28.96 -7.10
CA LYS C 115 20.33 27.60 -7.50
C LYS C 115 19.59 26.60 -6.63
N LEU C 116 18.26 26.72 -6.65
CA LEU C 116 17.41 25.95 -5.76
C LEU C 116 16.30 25.29 -6.57
N VAL C 117 16.11 23.99 -6.35
CA VAL C 117 15.08 23.21 -7.00
C VAL C 117 14.18 22.61 -5.93
N MET C 118 12.87 22.60 -6.18
CA MET C 118 11.95 21.95 -5.27
C MET C 118 10.97 21.04 -6.02
N ALA C 119 10.77 19.83 -5.52
CA ALA C 119 9.70 18.94 -5.95
C ALA C 119 9.27 18.15 -4.73
N HIS C 120 8.10 17.52 -4.79
CA HIS C 120 7.57 16.91 -3.56
C HIS C 120 8.51 15.81 -3.05
N ALA C 121 8.86 14.86 -3.91
CA ALA C 121 9.64 13.71 -3.47
C ALA C 121 11.12 13.85 -3.79
N GLY C 122 11.50 14.83 -4.60
CA GLY C 122 12.88 14.98 -4.98
C GLY C 122 13.04 14.92 -6.49
N ILE C 123 14.27 14.73 -6.95
CA ILE C 123 14.58 14.61 -8.38
C ILE C 123 15.28 13.26 -8.56
N THR C 124 14.66 12.38 -9.35
CA THR C 124 15.32 11.10 -9.57
C THR C 124 16.70 11.30 -10.17
N PRO C 125 17.71 10.55 -9.72
CA PRO C 125 19.05 10.66 -10.33
C PRO C 125 19.08 10.27 -11.80
N GLN C 126 18.01 9.65 -12.32
CA GLN C 126 17.96 9.34 -13.74
C GLN C 126 17.61 10.57 -14.58
N TRP C 127 17.33 11.70 -13.95
CA TRP C 127 16.88 12.91 -14.65
C TRP C 127 17.92 14.00 -14.53
N ASP C 128 18.24 14.64 -15.66
CA ASP C 128 18.91 15.93 -15.62
C ASP C 128 17.84 17.03 -15.55
N LEU C 129 18.29 18.28 -15.45
CA LEU C 129 17.33 19.35 -15.18
C LEU C 129 16.38 19.56 -16.36
N GLN C 130 16.92 19.50 -17.59
CA GLN C 130 16.07 19.71 -18.77
C GLN C 130 14.95 18.67 -18.84
N THR C 131 15.28 17.41 -18.55
CA THR C 131 14.29 16.34 -18.59
C THR C 131 13.25 16.52 -17.49
N ALA C 132 13.70 16.82 -16.26
CA ALA C 132 12.75 17.09 -15.19
C ALA C 132 11.80 18.23 -15.57
N LYS C 133 12.34 19.26 -16.21
CA LYS C 133 11.50 20.37 -16.60
C LYS C 133 10.45 19.94 -17.63
N GLU C 134 10.89 19.19 -18.65
CA GLU C 134 9.95 18.75 -19.68
C GLU C 134 8.88 17.84 -19.10
N CYS C 135 9.27 16.93 -18.21
CA CYS C 135 8.31 16.00 -17.61
C CYS C 135 7.29 16.75 -16.74
N ALA C 136 7.77 17.71 -15.94
CA ALA C 136 6.83 18.52 -15.17
C ALA C 136 5.86 19.27 -16.09
N ARG C 137 6.37 19.86 -17.16
CA ARG C 137 5.49 20.57 -18.09
CA ARG C 137 5.49 20.57 -18.09
C ARG C 137 4.43 19.63 -18.65
N ASP C 138 4.80 18.40 -19.00
CA ASP C 138 3.84 17.49 -19.62
C ASP C 138 2.73 17.11 -18.65
N VAL C 139 3.10 16.77 -17.41
CA VAL C 139 2.06 16.38 -16.47
C VAL C 139 1.25 17.60 -16.03
N GLU C 140 1.87 18.77 -15.91
CA GLU C 140 1.10 19.95 -15.55
C GLU C 140 0.07 20.26 -16.64
N ALA C 141 0.44 20.03 -17.89
CA ALA C 141 -0.49 20.30 -18.99
C ALA C 141 -1.70 19.39 -18.90
N VAL C 142 -1.49 18.10 -18.58
CA VAL C 142 -2.66 17.21 -18.49
C VAL C 142 -3.52 17.57 -17.27
N LEU C 143 -2.90 17.94 -16.15
CA LEU C 143 -3.66 18.24 -14.94
C LEU C 143 -4.48 19.52 -15.06
N SER C 144 -3.99 20.50 -15.82
CA SER C 144 -4.66 21.78 -16.03
CA SER C 144 -4.69 21.76 -16.00
C SER C 144 -5.70 21.72 -17.14
N SER C 145 -5.76 20.61 -17.87
CA SER C 145 -6.61 20.46 -19.03
C SER C 145 -8.02 20.01 -18.64
N ASP C 146 -8.98 20.22 -19.54
CA ASP C 146 -10.34 19.80 -19.26
C ASP C 146 -10.43 18.30 -19.05
N SER C 147 -9.50 17.54 -19.61
CA SER C 147 -9.53 16.09 -19.58
C SER C 147 -8.81 15.50 -18.37
N TYR C 148 -8.60 16.29 -17.32
CA TYR C 148 -7.73 15.81 -16.25
C TYR C 148 -8.26 14.56 -15.53
N PRO C 149 -9.57 14.29 -15.42
CA PRO C 149 -10.00 13.04 -14.75
C PRO C 149 -9.43 11.80 -15.43
N PHE C 150 -9.38 11.82 -16.76
CA PHE C 150 -8.75 10.73 -17.52
CA PHE C 150 -8.77 10.72 -17.49
C PHE C 150 -7.31 10.52 -17.09
N PHE C 151 -6.56 11.61 -16.96
CA PHE C 151 -5.15 11.49 -16.60
CA PHE C 151 -5.16 11.42 -16.62
C PHE C 151 -4.98 10.99 -15.17
N LEU C 152 -5.77 11.57 -14.24
CA LEU C 152 -5.71 11.10 -12.85
C LEU C 152 -6.00 9.61 -12.77
N ASP C 153 -6.95 9.12 -13.58
CA ASP C 153 -7.20 7.68 -13.58
C ASP C 153 -6.00 6.93 -14.15
N ALA C 154 -5.39 7.47 -15.21
CA ALA C 154 -4.26 6.79 -15.82
C ALA C 154 -3.02 6.85 -14.94
N MET C 155 -2.90 7.87 -14.09
CA MET C 155 -1.69 8.05 -13.29
CA MET C 155 -1.65 8.02 -13.34
C MET C 155 -1.42 6.87 -12.37
N TYR C 156 -2.48 6.15 -11.95
CA TYR C 156 -2.29 5.07 -10.99
C TYR C 156 -1.48 3.94 -11.60
N GLY C 157 -0.52 3.43 -10.85
CA GLY C 157 0.32 2.31 -11.28
C GLY C 157 1.73 2.45 -10.71
N ASP C 158 2.41 1.30 -10.60
CA ASP C 158 3.76 1.25 -10.06
C ASP C 158 4.83 0.98 -11.11
N MET C 159 4.46 0.78 -12.37
CA MET C 159 5.37 0.51 -13.46
C MET C 159 5.08 1.46 -14.61
N PRO C 160 6.08 1.80 -15.43
CA PRO C 160 7.48 1.39 -15.37
C PRO C 160 8.26 2.12 -14.29
N ASN C 161 9.35 1.55 -13.78
CA ASN C 161 10.13 2.22 -12.74
C ASN C 161 11.50 2.64 -13.21
N ASN C 162 11.76 2.57 -14.51
CA ASN C 162 13.03 2.96 -15.10
C ASN C 162 12.80 4.03 -16.16
N TRP C 163 13.47 5.17 -16.02
CA TRP C 163 13.29 6.24 -17.00
C TRP C 163 14.00 5.89 -18.30
N SER C 164 13.35 6.22 -19.42
CA SER C 164 13.97 6.26 -20.73
C SER C 164 13.29 7.35 -21.55
N PRO C 165 14.04 8.16 -22.30
CA PRO C 165 13.40 9.08 -23.24
C PRO C 165 12.52 8.37 -24.27
N GLU C 166 12.65 7.05 -24.43
CA GLU C 166 11.80 6.29 -25.34
C GLU C 166 10.44 5.94 -24.73
N LEU C 167 10.26 6.15 -23.43
CA LEU C 167 8.96 5.86 -22.85
C LEU C 167 7.88 6.67 -23.57
N ARG C 168 6.74 6.03 -23.83
CA ARG C 168 5.64 6.69 -24.50
C ARG C 168 4.36 6.44 -23.73
N GLY C 169 3.40 7.36 -23.91
CA GLY C 169 2.05 7.09 -23.44
C GLY C 169 1.91 6.92 -21.94
N LEU C 170 1.02 5.98 -21.58
CA LEU C 170 0.62 5.83 -20.18
C LEU C 170 1.82 5.58 -19.30
N GLY C 171 2.73 4.71 -19.74
CA GLY C 171 3.89 4.39 -18.93
C GLY C 171 4.75 5.61 -18.65
N ARG C 172 4.87 6.49 -19.64
CA ARG C 172 5.67 7.70 -19.45
C ARG C 172 5.05 8.59 -18.39
N LEU C 173 3.75 8.82 -18.51
CA LEU C 173 3.05 9.66 -17.53
C LEU C 173 3.11 9.07 -16.12
N ARG C 174 2.93 7.75 -16.00
CA ARG C 174 2.97 7.10 -14.69
C ARG C 174 4.35 7.21 -14.06
N PHE C 175 5.41 6.97 -14.84
CA PHE C 175 6.75 7.17 -14.27
C PHE C 175 6.93 8.61 -13.80
N ILE C 176 6.62 9.57 -14.65
CA ILE C 176 6.83 10.95 -14.22
C ILE C 176 6.12 11.22 -12.90
N THR C 177 4.86 10.79 -12.79
CA THR C 177 4.09 11.05 -11.59
C THR C 177 4.74 10.40 -10.38
N ASN C 178 5.13 9.15 -10.51
CA ASN C 178 5.75 8.45 -9.39
C ASN C 178 7.07 9.10 -8.98
N ALA C 179 7.86 9.53 -9.96
CA ALA C 179 9.17 10.12 -9.65
C ALA C 179 9.00 11.42 -8.88
N PHE C 180 8.06 12.27 -9.32
CA PHE C 180 7.89 13.56 -8.63
C PHE C 180 7.20 13.43 -7.27
N THR C 181 6.28 12.47 -7.11
CA THR C 181 5.42 12.53 -5.96
C THR C 181 5.45 11.32 -5.03
N ARG C 182 6.09 10.20 -5.42
CA ARG C 182 6.10 8.99 -4.59
C ARG C 182 7.49 8.45 -4.26
N MET C 183 8.52 8.82 -5.03
CA MET C 183 9.87 8.29 -4.89
C MET C 183 10.39 8.38 -3.46
N ARG C 184 11.04 7.30 -3.02
CA ARG C 184 11.94 7.35 -1.86
C ARG C 184 13.20 6.57 -2.19
N PHE C 185 13.07 5.25 -2.29
CA PHE C 185 14.20 4.37 -2.53
C PHE C 185 14.43 4.06 -4.01
N CYS C 186 15.71 3.88 -4.34
CA CYS C 186 16.14 3.48 -5.68
C CYS C 186 16.94 2.19 -5.59
N PHE C 187 16.87 1.39 -6.64
CA PHE C 187 17.84 0.33 -6.82
C PHE C 187 19.15 0.97 -7.24
N PRO C 188 20.27 0.23 -7.16
CA PRO C 188 21.58 0.86 -7.43
C PRO C 188 21.66 1.56 -8.77
N ASN C 189 20.98 1.07 -9.78
CA ASN C 189 21.00 1.71 -11.08
C ASN C 189 19.99 2.84 -11.22
N GLY C 190 19.36 3.24 -10.12
CA GLY C 190 18.42 4.34 -10.14
C GLY C 190 16.96 3.99 -10.33
N GLN C 191 16.63 2.73 -10.57
CA GLN C 191 15.22 2.35 -10.71
C GLN C 191 14.45 2.61 -9.42
N LEU C 192 13.21 3.09 -9.57
CA LEU C 192 12.39 3.38 -8.41
C LEU C 192 11.84 2.11 -7.76
N ASP C 193 11.87 2.08 -6.44
CA ASP C 193 11.09 1.13 -5.66
C ASP C 193 9.84 1.84 -5.16
N MET C 194 8.67 1.28 -5.45
CA MET C 194 7.41 1.90 -5.08
CA MET C 194 7.41 1.90 -5.07
C MET C 194 6.79 1.27 -3.83
N TYR C 195 7.57 0.56 -3.01
CA TYR C 195 6.95 -0.16 -1.90
C TYR C 195 7.53 0.19 -0.53
N SER C 196 8.85 0.34 -0.41
CA SER C 196 9.45 0.61 0.90
C SER C 196 9.31 2.08 1.29
N LYS C 197 8.72 2.33 2.45
CA LYS C 197 8.57 3.69 2.95
C LYS C 197 9.31 3.92 4.28
N GLU C 198 10.13 2.97 4.71
CA GLU C 198 10.80 3.07 6.00
C GLU C 198 12.02 3.99 5.91
N SER C 199 12.68 4.18 7.06
CA SER C 199 13.90 4.97 7.07
C SER C 199 15.01 4.23 6.33
N PRO C 200 16.01 4.96 5.82
CA PRO C 200 17.06 4.29 5.05
C PRO C 200 17.76 3.16 5.79
N GLU C 201 17.96 3.30 7.10
CA GLU C 201 18.69 2.27 7.84
C GLU C 201 17.88 0.97 7.95
N GLU C 202 16.55 1.07 7.90
CA GLU C 202 15.70 -0.10 8.03
C GLU C 202 15.33 -0.72 6.70
N ALA C 203 15.73 -0.13 5.59
CA ALA C 203 15.27 -0.60 4.29
C ALA C 203 16.01 -1.87 3.86
N PRO C 204 15.37 -2.70 3.04
CA PRO C 204 16.02 -3.92 2.58
C PRO C 204 17.03 -3.66 1.49
N ALA C 205 18.12 -4.43 1.50
CA ALA C 205 19.08 -4.33 0.42
C ALA C 205 18.42 -4.76 -0.89
N PRO C 206 18.87 -4.21 -2.03
CA PRO C 206 19.95 -3.25 -2.24
C PRO C 206 19.48 -1.81 -2.31
N LEU C 207 18.34 -1.50 -1.69
CA LEU C 207 17.71 -0.19 -1.82
C LEU C 207 18.49 0.88 -1.08
N LYS C 208 18.64 2.03 -1.71
CA LYS C 208 19.24 3.22 -1.14
C LYS C 208 18.38 4.44 -1.42
N PRO C 209 18.46 5.48 -0.59
CA PRO C 209 17.75 6.72 -0.89
C PRO C 209 18.09 7.27 -2.27
N TRP C 210 17.08 7.86 -2.92
CA TRP C 210 17.32 8.47 -4.23
C TRP C 210 18.46 9.47 -4.18
N PHE C 211 18.59 10.19 -3.06
CA PHE C 211 19.63 11.21 -2.99
C PHE C 211 21.01 10.63 -2.67
N ALA C 212 21.10 9.33 -2.37
CA ALA C 212 22.42 8.71 -2.17
C ALA C 212 23.07 8.31 -3.48
N ILE C 213 22.34 8.39 -4.59
CA ILE C 213 22.87 8.07 -5.91
C ILE C 213 23.20 9.38 -6.60
N PRO C 214 24.45 9.62 -6.99
CA PRO C 214 24.81 10.91 -7.59
C PRO C 214 23.99 11.17 -8.86
N GLY C 215 23.34 12.32 -8.90
CA GLY C 215 22.53 12.69 -10.03
C GLY C 215 22.90 14.05 -10.55
N PRO C 216 22.63 14.32 -11.83
CA PRO C 216 23.12 15.57 -12.43
C PRO C 216 22.49 16.83 -11.88
N VAL C 217 21.25 16.78 -11.37
CA VAL C 217 20.64 18.01 -10.86
C VAL C 217 21.33 18.43 -9.57
N ALA C 218 21.61 17.48 -8.68
CA ALA C 218 22.26 17.76 -7.41
C ALA C 218 23.68 18.28 -7.58
N GLU C 219 24.30 18.09 -8.73
CA GLU C 219 25.65 18.60 -8.91
C GLU C 219 25.67 20.12 -9.03
N GLU C 220 24.57 20.73 -9.48
CA GLU C 220 24.54 22.18 -9.65
C GLU C 220 23.53 22.89 -8.75
N TYR C 221 22.52 22.18 -8.24
CA TYR C 221 21.42 22.79 -7.52
C TYR C 221 21.26 22.15 -6.15
N SER C 222 20.86 22.97 -5.18
CA SER C 222 20.28 22.45 -3.97
C SER C 222 18.89 21.91 -4.31
N ILE C 223 18.49 20.86 -3.62
CA ILE C 223 17.16 20.28 -3.81
C ILE C 223 16.46 20.25 -2.47
N ALA C 224 15.31 20.92 -2.40
CA ALA C 224 14.44 20.84 -1.24
C ALA C 224 13.24 19.96 -1.59
N PHE C 225 12.84 19.12 -0.63
CA PHE C 225 11.72 18.23 -0.88
C PHE C 225 11.03 17.94 0.44
N GLY C 226 9.86 17.30 0.36
CA GLY C 226 9.15 16.86 1.55
C GLY C 226 8.94 15.36 1.54
N HIS C 227 7.68 14.92 1.68
CA HIS C 227 7.21 13.57 1.36
C HIS C 227 7.69 12.45 2.29
N TRP C 228 9.00 12.34 2.53
CA TRP C 228 9.57 11.14 3.14
C TRP C 228 9.67 11.34 4.65
N ALA C 229 8.53 11.15 5.31
CA ALA C 229 8.45 11.50 6.73
C ALA C 229 9.36 10.61 7.56
N SER C 230 9.47 9.31 7.23
CA SER C 230 10.30 8.42 8.03
C SER C 230 11.79 8.79 7.97
N LEU C 231 12.19 9.67 7.04
CA LEU C 231 13.53 10.24 7.06
C LEU C 231 13.70 11.24 8.20
N GLU C 232 12.61 11.84 8.65
CA GLU C 232 12.61 12.77 9.79
C GLU C 232 13.51 13.99 9.52
N GLY C 233 13.66 14.35 8.24
CA GLY C 233 14.47 15.49 7.83
C GLY C 233 15.95 15.34 8.06
N LYS C 234 16.41 14.13 8.35
CA LYS C 234 17.79 13.85 8.74
C LYS C 234 18.46 12.97 7.69
N GLY C 235 19.79 12.89 7.78
CA GLY C 235 20.52 11.91 6.99
C GLY C 235 20.70 12.25 5.54
N THR C 236 20.70 13.52 5.18
CA THR C 236 20.87 13.87 3.77
C THR C 236 22.25 14.47 3.51
N PRO C 237 22.76 14.34 2.30
CA PRO C 237 24.02 15.01 1.94
C PRO C 237 23.86 16.52 1.92
N GLU C 238 25.00 17.19 1.84
CA GLU C 238 25.01 18.64 1.70
C GLU C 238 24.27 19.04 0.43
N GLY C 239 23.48 20.11 0.55
CA GLY C 239 22.69 20.60 -0.56
C GLY C 239 21.34 19.94 -0.72
N ILE C 240 21.04 18.91 0.09
CA ILE C 240 19.77 18.19 0.01
C ILE C 240 18.99 18.47 1.30
N TYR C 241 17.82 19.06 1.16
CA TYR C 241 17.04 19.51 2.31
C TYR C 241 15.75 18.71 2.37
N ALA C 242 15.68 17.81 3.34
CA ALA C 242 14.51 16.99 3.59
C ALA C 242 13.66 17.74 4.63
N LEU C 243 12.61 18.41 4.17
CA LEU C 243 11.84 19.31 5.03
C LEU C 243 10.62 18.68 5.69
N ASP C 244 10.23 17.47 5.34
CA ASP C 244 9.05 16.87 5.94
C ASP C 244 9.40 16.20 7.26
N THR C 245 9.04 16.85 8.38
CA THR C 245 9.33 16.28 9.69
C THR C 245 8.06 15.77 10.37
N GLY C 246 7.04 15.47 9.59
CA GLY C 246 5.89 14.71 10.05
C GLY C 246 4.92 15.42 10.97
N CYS C 247 4.61 16.68 10.68
CA CYS C 247 3.67 17.41 11.54
C CYS C 247 2.38 16.63 11.77
N CYS C 248 1.75 16.16 10.70
CA CYS C 248 0.47 15.47 10.85
C CYS C 248 0.58 14.20 11.68
N TRP C 249 1.76 13.64 11.80
CA TRP C 249 1.99 12.39 12.54
C TRP C 249 2.35 12.62 14.00
N GLY C 250 2.18 13.84 14.51
CA GLY C 250 2.68 14.18 15.83
C GLY C 250 4.15 14.57 15.87
N GLY C 251 4.77 14.78 14.72
CA GLY C 251 6.14 15.30 14.65
C GLY C 251 6.17 16.80 14.75
N THR C 252 6.83 17.47 13.80
CA THR C 252 6.93 18.92 13.81
C THR C 252 6.76 19.44 12.40
N LEU C 253 6.37 20.71 12.31
CA LEU C 253 6.40 21.45 11.06
C LEU C 253 7.71 22.25 10.99
N THR C 254 8.47 22.08 9.91
CA THR C 254 9.79 22.68 9.77
C THR C 254 9.79 23.75 8.70
N CYS C 255 10.44 24.88 9.02
CA CYS C 255 10.59 26.03 8.15
C CYS C 255 12.07 26.34 8.08
N LEU C 256 12.60 26.43 6.86
CA LEU C 256 13.99 26.82 6.60
C LEU C 256 13.98 28.22 5.97
N ARG C 257 14.70 29.17 6.57
CA ARG C 257 14.91 30.46 5.94
C ARG C 257 16.18 30.37 5.10
N TRP C 258 16.02 30.67 3.80
CA TRP C 258 17.08 30.41 2.82
C TRP C 258 18.29 31.32 3.02
N GLU C 259 18.07 32.58 3.36
CA GLU C 259 19.18 33.54 3.32
C GLU C 259 20.29 33.14 4.28
N ASP C 260 19.93 32.67 5.47
CA ASP C 260 20.92 32.27 6.46
C ASP C 260 20.81 30.79 6.82
N LYS C 261 20.00 30.03 6.07
CA LYS C 261 19.81 28.60 6.33
C LYS C 261 19.43 28.37 7.79
N GLN C 262 18.55 29.22 8.29
CA GLN C 262 18.14 29.11 9.69
C GLN C 262 16.84 28.33 9.79
N TYR C 263 16.78 27.34 10.67
CA TYR C 263 15.58 26.53 10.84
C TYR C 263 14.70 27.04 11.97
N PHE C 264 13.40 26.96 11.76
CA PHE C 264 12.36 27.24 12.74
C PHE C 264 11.41 26.05 12.78
N VAL C 265 11.01 25.64 13.99
CA VAL C 265 10.18 24.46 14.11
C VAL C 265 8.95 24.78 14.94
N GLN C 266 7.82 24.22 14.52
CA GLN C 266 6.54 24.32 15.22
C GLN C 266 6.13 22.93 15.67
N PRO C 267 5.99 22.66 16.96
CA PRO C 267 5.52 21.33 17.37
C PRO C 267 4.10 21.05 16.88
N SER C 268 3.87 19.78 16.57
CA SER C 268 2.52 19.36 16.18
C SER C 268 1.54 19.57 17.32
N ASN C 269 0.30 19.88 16.99
CA ASN C 269 -0.73 19.97 18.02
C ASN C 269 -1.38 18.63 18.33
N ARG C 270 -1.12 17.59 17.53
CA ARG C 270 -1.70 16.27 17.77
C ARG C 270 -1.04 15.61 18.98
PB ADP D 1 2.88 10.36 2.49
PB ADP D 1 3.01 9.12 2.19
O1B ADP D 1 3.20 10.67 1.04
O1B ADP D 1 2.73 10.19 1.14
O2B ADP D 1 2.41 11.62 3.17
O2B ADP D 1 1.75 8.80 2.94
O3B ADP D 1 1.84 9.26 2.59
O3B ADP D 1 3.52 7.87 1.51
PA ADP D 1 4.54 9.49 4.77
O1A ADP D 1 4.11 10.69 5.62
O2A ADP D 1 6.03 9.27 4.87
O3A ADP D 1 4.23 9.81 3.19
O3A ADP D 1 4.13 9.68 3.23
O5' ADP D 1 3.77 8.13 5.25
C5' ADP D 1 4.19 6.87 4.72
C4' ADP D 1 4.47 5.90 5.88
O4' ADP D 1 5.51 6.45 6.70
C3' ADP D 1 3.22 5.82 6.76
O3' ADP D 1 2.87 4.44 6.94
C2' ADP D 1 3.61 6.39 8.14
O2' ADP D 1 2.99 5.57 9.14
C1' ADP D 1 5.13 6.21 8.08
N9 ADP D 1 5.87 7.19 8.87
C8 ADP D 1 5.66 8.52 9.00
N7 ADP D 1 6.57 9.01 9.83
C5 ADP D 1 7.38 7.98 10.23
C6 ADP D 1 8.49 7.91 11.09
N6 ADP D 1 8.96 9.04 11.71
N1 ADP D 1 9.09 6.71 11.30
C2 ADP D 1 8.63 5.60 10.70
N3 ADP D 1 7.57 5.65 9.87
C4 ADP D 1 6.94 6.84 9.64
H5'1 ADP D 1 3.48 6.50 4.16
H5'2 ADP D 1 4.99 6.99 4.19
H4' ADP D 1 4.75 5.02 5.57
H3' ADP D 1 2.51 6.35 6.36
H2' ADP D 1 3.36 7.32 8.31
HO2' ADP D 1 3.27 5.82 9.90
H1' ADP D 1 5.31 5.30 8.37
H8 ADP D 1 4.99 9.01 8.57
HN61 ADP D 1 9.64 9.00 12.24
HN62 ADP D 1 8.57 9.80 11.58
H2 ADP D 1 9.05 4.78 10.85
MN MN E . -1.72 -11.58 4.90
MG MG F . -1.72 -11.58 4.90
MN MN G . -3.62 -12.12 2.28
S SO4 H . -19.09 -26.46 18.63
O1 SO4 H . -18.05 -27.16 19.37
O2 SO4 H . -20.16 -27.39 18.25
O3 SO4 H . -19.69 -25.41 19.45
O4 SO4 H . -18.50 -25.84 17.43
S SO4 I . 1.29 -33.25 -0.21
O1 SO4 I . 2.64 -33.36 0.33
O2 SO4 I . 0.67 -34.58 -0.23
O3 SO4 I . 0.50 -32.34 0.63
O4 SO4 I . 1.34 -32.74 -1.57
S SO4 J . -11.52 -24.89 -16.67
O1 SO4 J . -11.05 -25.01 -15.30
O2 SO4 J . -12.51 -25.95 -16.90
O3 SO4 J . -12.15 -23.59 -16.87
O4 SO4 J . -10.38 -25.00 -17.56
N1 EPE K . -8.69 3.31 -8.71
C2 EPE K . -9.67 2.62 -9.57
C3 EPE K . -8.96 2.02 -10.78
N4 EPE K . -8.15 2.99 -11.48
C5 EPE K . -7.36 3.93 -10.71
C6 EPE K . -8.04 4.41 -9.45
C7 EPE K . -7.58 2.56 -12.75
C8 EPE K . -8.48 1.56 -13.48
O8 EPE K . -9.47 2.27 -14.20
C9 EPE K . -9.42 3.90 -7.60
C10 EPE K . -9.72 2.87 -6.53
S EPE K . -10.29 3.66 -5.01
O1S EPE K . -11.43 4.52 -5.29
O2S EPE K . -10.69 2.63 -4.05
O3S EPE K . -9.18 4.45 -4.47
MN MN L . 3.36 13.72 3.03
MG MG M . 3.36 13.72 3.03
MN MN N . 4.00 12.62 0.03
S SO4 O . 23.65 30.87 -0.61
O1 SO4 O . 24.49 30.56 0.54
O2 SO4 O . 24.52 31.20 -1.74
O3 SO4 O . 22.80 29.69 -0.94
O4 SO4 O . 22.81 32.02 -0.29
S SO4 P . -13.57 15.45 9.30
O1 SO4 P . -13.09 14.37 10.17
O2 SO4 P . -14.39 14.88 8.22
O3 SO4 P . -14.36 16.40 10.08
O4 SO4 P . -12.41 16.15 8.76
S SO4 Q . 10.86 -1.03 -16.11
O1 SO4 Q . 12.10 -1.71 -15.76
O2 SO4 Q . 10.19 -1.72 -17.21
O3 SO4 Q . 9.96 -1.01 -14.96
O4 SO4 Q . 11.14 0.35 -16.48
S SO4 R . 22.25 15.73 8.29
O1 SO4 R . 22.77 15.75 9.66
O2 SO4 R . 22.65 14.49 7.64
O3 SO4 R . 20.78 15.79 8.34
O4 SO4 R . 22.76 16.87 7.55
#